data_5WBB
#
_entry.id   5WBB
#
_cell.length_a   57.640
_cell.length_b   57.640
_cell.length_c   183.980
_cell.angle_alpha   90.00
_cell.angle_beta   90.00
_cell.angle_gamma   90.00
#
_symmetry.space_group_name_H-M   'I 41 2 2'
#
loop_
_entity.id
_entity.type
_entity.pdbx_description
1 polymer Streptavidin
2 non-polymer [N-(2-{bis[2-(pyridin-2-yl-kappaN)ethyl]amino-kappaN}ethyl)-5-(2-oxohexahydro-1H-thieno[3,4-d]imidazol-4-yl)pentanamide]copper
3 non-polymer 'COPPER (II) ION'
4 non-polymer GLYCEROL
5 non-polymer 'SULFATE ION'
6 water water
#
_entity_poly.entity_id   1
_entity_poly.type   'polypeptide(L)'
_entity_poly.pdbx_seq_one_letter_code
;MASMTGGQQMGRDEAGITGTWYNQLGSTFIVTAGADGALTGTYESAVGNAESRYVLTGRYDSAPATDGSGTALGWTVAWK
NNYRNAHSATTWSGQYVGGAEARINTQWLLTAGTTEANAWKSTLVGHDTFTKVKPSAASIDAAKKAGVNNGNPLDAVQQ
;
_entity_poly.pdbx_strand_id   A
#
loop_
_chem_comp.id
_chem_comp.type
_chem_comp.name
_chem_comp.formula
CU non-polymer 'COPPER (II) ION' 'Cu 2'
GOL non-polymer GLYCEROL 'C3 H8 O3'
SO4 non-polymer 'SULFATE ION' 'O4 S -2'
SQ1 non-polymer [N-(2-{bis[2-(pyridin-2-yl-kappaN)ethyl]amino-kappaN}ethyl)-5-(2-oxohexahydro-1H-thieno[3,4-d]imidazol-4-yl)pentanamide]copper 'C26 H36 Cu N6 O2 S'
#
# COMPACT_ATOMS: atom_id res chain seq x y z
N MET A 10 -20.09 -3.04 5.36
CA MET A 10 -20.27 -4.16 6.35
C MET A 10 -18.99 -4.48 7.15
N GLY A 11 -17.80 -4.25 6.59
CA GLY A 11 -16.57 -4.28 7.40
C GLY A 11 -16.48 -3.00 8.23
N ARG A 12 -15.84 -3.09 9.40
CA ARG A 12 -15.90 -1.99 10.39
C ARG A 12 -15.32 -0.70 9.84
N ASP A 13 -14.15 -0.78 9.20
CA ASP A 13 -13.50 0.40 8.61
C ASP A 13 -13.53 0.39 7.08
N GLU A 14 -14.55 -0.24 6.50
CA GLU A 14 -14.70 -0.27 5.05
C GLU A 14 -14.78 1.16 4.49
N ALA A 15 -15.64 1.98 5.10
CA ALA A 15 -15.79 3.38 4.70
C ALA A 15 -14.54 4.22 4.99
N GLY A 16 -13.95 4.00 6.17
CA GLY A 16 -12.73 4.70 6.60
C GLY A 16 -11.53 4.50 5.69
N ILE A 17 -11.35 3.26 5.24
CA ILE A 17 -10.19 2.93 4.39
C ILE A 17 -10.42 3.33 2.93
N THR A 18 -11.63 3.11 2.43
CA THR A 18 -11.93 3.37 1.03
C THR A 18 -11.69 4.84 0.68
N GLY A 19 -10.96 5.07 -0.42
CA GLY A 19 -10.72 6.43 -0.92
C GLY A 19 -9.28 6.64 -1.33
N THR A 20 -8.89 7.91 -1.34
CA THR A 20 -7.61 8.36 -1.87
C THR A 20 -6.73 8.74 -0.69
N TRP A 21 -5.50 8.23 -0.70
CA TRP A 21 -4.51 8.47 0.34
C TRP A 21 -3.22 8.96 -0.29
N TYR A 22 -2.45 9.73 0.48
CA TYR A 22 -1.22 10.35 0.01
C TYR A 22 -0.12 10.10 1.03
N ASN A 23 1.09 9.76 0.59
CA ASN A 23 2.20 9.57 1.53
C ASN A 23 3.18 10.73 1.54
N GLN A 24 4.19 10.60 2.38
CA GLN A 24 5.21 11.64 2.59
C GLN A 24 6.09 11.94 1.37
N LEU A 25 6.11 11.01 0.42
CA LEU A 25 6.83 11.21 -0.85
C LEU A 25 6.00 11.89 -1.92
N GLY A 26 4.70 12.04 -1.67
CA GLY A 26 3.77 12.57 -2.65
C GLY A 26 3.13 11.52 -3.55
N SER A 27 3.29 10.23 -3.21
CA SER A 27 2.61 9.16 -3.91
C SER A 27 1.13 9.11 -3.57
N THR A 28 0.34 8.53 -4.49
CA THR A 28 -1.13 8.46 -4.40
C THR A 28 -1.61 7.01 -4.41
N PHE A 29 -2.39 6.66 -3.40
CA PHE A 29 -2.87 5.30 -3.15
C PHE A 29 -4.41 5.42 -3.18
N ILE A 30 -5.03 4.79 -4.17
CA ILE A 30 -6.47 4.83 -4.37
C ILE A 30 -6.97 3.42 -4.12
N VAL A 31 -7.82 3.23 -3.12
CA VAL A 31 -8.21 1.89 -2.68
C VAL A 31 -9.72 1.80 -2.42
N THR A 32 -10.28 0.63 -2.72
CA THR A 32 -11.61 0.26 -2.29
C THR A 32 -11.50 -0.94 -1.36
N ALA A 33 -12.12 -0.82 -0.18
CA ALA A 33 -12.16 -1.89 0.81
C ALA A 33 -13.49 -2.61 0.66
N GLY A 34 -13.43 -3.94 0.49
CA GLY A 34 -14.64 -4.77 0.35
C GLY A 34 -15.13 -5.23 1.71
N ALA A 35 -16.41 -5.62 1.79
CA ALA A 35 -16.99 -6.12 3.05
C ALA A 35 -16.28 -7.38 3.58
N ASP A 36 -15.76 -8.15 2.63
CA ASP A 36 -15.08 -9.43 2.86
C ASP A 36 -13.61 -9.34 3.29
N GLY A 37 -13.03 -8.15 3.30
CA GLY A 37 -11.60 -8.01 3.61
C GLY A 37 -10.72 -7.69 2.42
N ALA A 38 -11.30 -7.58 1.23
CA ALA A 38 -10.49 -7.27 0.02
C ALA A 38 -10.07 -5.81 -0.05
N LEU A 39 -8.86 -5.57 -0.58
CA LEU A 39 -8.41 -4.24 -0.99
C LEU A 39 -8.07 -4.32 -2.46
N THR A 40 -8.60 -3.39 -3.23
CA THR A 40 -8.35 -3.28 -4.66
C THR A 40 -8.17 -1.80 -5.01
N GLY A 41 -7.31 -1.51 -5.99
CA GLY A 41 -7.16 -0.12 -6.40
C GLY A 41 -5.94 0.11 -7.27
N THR A 42 -5.40 1.33 -7.16
CA THR A 42 -4.25 1.74 -7.95
C THR A 42 -3.27 2.54 -7.09
N TYR A 43 -2.00 2.47 -7.50
CA TYR A 43 -0.90 3.16 -6.81
C TYR A 43 -0.11 3.92 -7.84
N GLU A 44 0.21 5.17 -7.50
CA GLU A 44 1.05 6.00 -8.36
C GLU A 44 2.20 6.51 -7.49
N SER A 45 3.42 6.06 -7.79
CA SER A 45 4.59 6.49 -7.04
C SER A 45 5.16 7.80 -7.56
N ALA A 46 5.47 8.71 -6.63
CA ALA A 46 6.16 9.96 -6.96
C ALA A 46 7.65 9.78 -7.21
N VAL A 47 8.18 8.60 -6.88
CA VAL A 47 9.62 8.31 -6.98
C VAL A 47 9.88 6.94 -7.61
N GLY A 48 11.10 6.76 -8.09
CA GLY A 48 11.57 5.48 -8.55
C GLY A 48 11.25 5.26 -10.01
N ASN A 49 11.44 4.01 -10.41
CA ASN A 49 11.27 3.60 -11.80
C ASN A 49 9.79 3.28 -12.03
N ALA A 50 9.00 4.35 -12.13
CA ALA A 50 7.55 4.24 -12.12
C ALA A 50 6.94 5.41 -12.82
N GLU A 51 5.87 5.13 -13.55
CA GLU A 51 5.11 6.17 -14.19
C GLU A 51 3.62 5.78 -14.24
N SER A 52 2.75 6.73 -13.94
N SER A 52 2.77 6.73 -13.88
CA SER A 52 1.29 6.54 -13.98
CA SER A 52 1.31 6.59 -13.88
C SER A 52 0.82 5.57 -12.89
C SER A 52 0.87 5.48 -12.90
N ARG A 53 -0.33 4.93 -13.11
CA ARG A 53 -0.94 4.03 -12.12
C ARG A 53 -0.58 2.56 -12.33
N TYR A 54 -0.49 1.84 -11.21
CA TYR A 54 -0.23 0.40 -11.17
C TYR A 54 -1.32 -0.25 -10.36
N VAL A 55 -1.68 -1.48 -10.76
CA VAL A 55 -2.69 -2.24 -10.05
C VAL A 55 -2.17 -2.62 -8.67
N LEU A 56 -3.05 -2.55 -7.68
CA LEU A 56 -2.74 -3.13 -6.38
C LEU A 56 -3.86 -4.00 -5.89
N THR A 57 -3.49 -4.96 -5.06
CA THR A 57 -4.46 -5.76 -4.36
C THR A 57 -3.94 -6.07 -2.98
N GLY A 58 -4.85 -6.32 -2.04
CA GLY A 58 -4.45 -6.63 -0.69
C GLY A 58 -5.61 -7.09 0.15
N ARG A 59 -5.37 -7.05 1.46
CA ARG A 59 -6.33 -7.54 2.46
C ARG A 59 -6.30 -6.67 3.71
N TYR A 60 -7.42 -6.61 4.43
CA TYR A 60 -7.48 -5.92 5.70
C TYR A 60 -8.38 -6.74 6.64
N ASP A 61 -8.19 -6.52 7.93
CA ASP A 61 -9.04 -7.10 8.98
C ASP A 61 -10.37 -6.35 8.98
N SER A 62 -11.42 -7.03 8.55
CA SER A 62 -12.76 -6.45 8.43
C SER A 62 -13.56 -6.49 9.76
N ALA A 63 -12.99 -7.07 10.80
CA ALA A 63 -13.61 -7.06 12.14
C ALA A 63 -12.53 -6.81 13.19
N PRO A 64 -11.97 -5.58 13.22
CA PRO A 64 -10.89 -5.28 14.16
C PRO A 64 -11.34 -5.29 15.63
N ALA A 65 -10.36 -5.23 16.52
CA ALA A 65 -10.64 -5.14 17.95
C ALA A 65 -11.27 -3.77 18.24
N THR A 66 -12.07 -3.70 19.30
CA THR A 66 -12.82 -2.48 19.65
C THR A 66 -12.22 -1.73 20.86
N ASP A 67 -10.94 -2.03 21.12
CA ASP A 67 -10.23 -1.53 22.30
C ASP A 67 -9.33 -0.31 22.00
N GLY A 68 -9.55 0.33 20.85
CA GLY A 68 -8.71 1.45 20.42
C GLY A 68 -7.56 1.06 19.52
N SER A 69 -7.41 -0.24 19.23
CA SER A 69 -6.36 -0.71 18.32
C SER A 69 -6.65 -0.33 16.89
N GLY A 70 -5.58 -0.16 16.12
CA GLY A 70 -5.68 0.02 14.69
C GLY A 70 -6.16 -1.23 13.97
N THR A 71 -6.34 -1.09 12.66
CA THR A 71 -6.83 -2.15 11.79
C THR A 71 -5.71 -2.64 10.88
N ALA A 72 -5.30 -3.89 11.04
CA ALA A 72 -4.20 -4.44 10.24
C ALA A 72 -4.58 -4.60 8.78
N LEU A 73 -3.63 -4.27 7.90
CA LEU A 73 -3.84 -4.42 6.47
C LEU A 73 -2.51 -4.54 5.74
N GLY A 74 -2.58 -4.96 4.48
CA GLY A 74 -1.44 -4.94 3.61
C GLY A 74 -1.88 -5.00 2.17
N TRP A 75 -0.96 -4.60 1.29
CA TRP A 75 -1.18 -4.68 -0.14
C TRP A 75 0.12 -4.78 -0.92
N THR A 76 -0.03 -5.18 -2.18
CA THR A 76 1.07 -5.36 -3.10
C THR A 76 0.85 -4.59 -4.38
N VAL A 77 1.96 -4.03 -4.89
CA VAL A 77 2.10 -3.53 -6.27
C VAL A 77 3.28 -4.23 -6.94
N ALA A 78 3.02 -4.84 -8.09
CA ALA A 78 4.09 -5.24 -9.01
C ALA A 78 4.28 -4.11 -9.99
N TRP A 79 5.53 -3.68 -10.18
CA TRP A 79 5.84 -2.44 -10.91
C TRP A 79 5.90 -2.61 -12.43
N LYS A 80 4.86 -3.25 -12.95
CA LYS A 80 4.63 -3.41 -14.38
C LYS A 80 3.28 -2.80 -14.73
N ASN A 81 3.28 -1.91 -15.69
CA ASN A 81 2.03 -1.42 -16.30
C ASN A 81 2.26 -1.24 -17.80
N ASN A 82 1.38 -0.52 -18.48
CA ASN A 82 1.52 -0.37 -19.94
C ASN A 82 2.69 0.51 -20.36
N TYR A 83 3.25 1.26 -19.42
CA TYR A 83 4.33 2.21 -19.69
C TYR A 83 5.73 1.70 -19.36
N ARG A 84 5.85 0.96 -18.27
CA ARG A 84 7.15 0.56 -17.75
C ARG A 84 7.07 -0.77 -17.05
N ASN A 85 8.23 -1.41 -16.93
CA ASN A 85 8.39 -2.57 -16.09
C ASN A 85 9.71 -2.50 -15.34
N ALA A 86 9.59 -2.30 -14.04
CA ALA A 86 10.75 -2.19 -13.17
C ALA A 86 11.12 -3.52 -12.50
N HIS A 87 10.54 -4.62 -12.96
CA HIS A 87 10.90 -5.98 -12.51
C HIS A 87 11.07 -6.05 -11.00
N SER A 88 10.01 -5.63 -10.31
CA SER A 88 10.05 -5.50 -8.87
C SER A 88 8.64 -5.42 -8.31
N ALA A 89 8.52 -5.64 -7.00
CA ALA A 89 7.24 -5.59 -6.34
C ALA A 89 7.42 -5.06 -4.93
N THR A 90 6.53 -4.17 -4.52
CA THR A 90 6.51 -3.69 -3.15
C THR A 90 5.30 -4.22 -2.43
N THR A 91 5.50 -4.64 -1.18
CA THR A 91 4.41 -4.92 -0.26
C THR A 91 4.45 -3.96 0.92
N TRP A 92 3.30 -3.37 1.23
CA TRP A 92 3.15 -2.54 2.40
C TRP A 92 2.37 -3.34 3.43
N SER A 93 2.87 -3.34 4.67
CA SER A 93 2.20 -4.00 5.80
C SER A 93 2.03 -2.94 6.89
N GLY A 94 0.83 -2.82 7.45
CA GLY A 94 0.61 -1.70 8.36
C GLY A 94 -0.70 -1.75 9.09
N GLN A 95 -1.11 -0.60 9.60
CA GLN A 95 -2.41 -0.49 10.21
C GLN A 95 -3.04 0.85 9.93
N TYR A 96 -4.36 0.81 9.78
CA TYR A 96 -5.20 1.98 9.66
C TYR A 96 -5.61 2.44 11.04
N VAL A 97 -5.46 3.75 11.28
CA VAL A 97 -5.81 4.39 12.53
C VAL A 97 -6.84 5.45 12.17
N GLY A 98 -8.06 5.32 12.67
CA GLY A 98 -9.15 6.23 12.33
C GLY A 98 -9.12 7.48 13.17
N GLY A 99 -10.08 8.37 12.94
CA GLY A 99 -10.19 9.64 13.67
C GLY A 99 -9.91 10.85 12.81
N ALA A 100 -9.92 12.02 13.43
CA ALA A 100 -9.86 13.31 12.74
C ALA A 100 -8.65 13.45 11.82
N GLU A 101 -7.52 12.93 12.27
CA GLU A 101 -6.33 12.81 11.45
C GLU A 101 -6.07 11.33 11.19
N ALA A 102 -6.94 10.72 10.38
CA ALA A 102 -6.81 9.30 9.99
C ALA A 102 -5.49 9.05 9.27
N ARG A 103 -4.89 7.91 9.55
CA ARG A 103 -3.59 7.54 8.97
C ARG A 103 -3.56 6.07 8.63
N ILE A 104 -2.78 5.73 7.62
CA ILE A 104 -2.32 4.36 7.44
C ILE A 104 -0.79 4.37 7.61
N ASN A 105 -0.32 3.74 8.68
CA ASN A 105 1.11 3.67 9.01
C ASN A 105 1.63 2.33 8.54
N THR A 106 2.62 2.37 7.65
CA THR A 106 3.15 1.17 7.03
C THR A 106 4.67 1.05 7.10
N GLN A 107 5.11 -0.20 6.98
CA GLN A 107 6.47 -0.54 6.60
C GLN A 107 6.37 -1.34 5.30
N TRP A 108 7.40 -1.24 4.45
CA TRP A 108 7.33 -1.91 3.16
C TRP A 108 8.60 -2.65 2.80
N LEU A 109 8.44 -3.62 1.91
CA LEU A 109 9.54 -4.41 1.34
C LEU A 109 9.42 -4.38 -0.17
N LEU A 110 10.46 -3.89 -0.83
N LEU A 110 10.46 -3.89 -0.83
CA LEU A 110 10.52 -3.78 -2.30
CA LEU A 110 10.52 -3.78 -2.28
C LEU A 110 11.59 -4.73 -2.84
C LEU A 110 11.59 -4.75 -2.79
N THR A 111 11.15 -5.85 -3.41
CA THR A 111 12.06 -6.88 -3.95
C THR A 111 12.17 -6.73 -5.47
N ALA A 112 13.41 -6.71 -5.96
CA ALA A 112 13.69 -6.71 -7.39
C ALA A 112 13.97 -8.13 -7.82
N GLY A 113 13.57 -8.49 -9.04
CA GLY A 113 14.07 -9.72 -9.65
C GLY A 113 15.57 -9.60 -9.88
N THR A 114 16.34 -10.56 -9.38
CA THR A 114 17.81 -10.57 -9.51
C THR A 114 18.30 -11.94 -9.90
N THR A 115 19.55 -12.01 -10.36
CA THR A 115 20.26 -13.28 -10.42
C THR A 115 20.47 -13.81 -9.00
N GLU A 116 20.73 -15.10 -8.90
CA GLU A 116 20.99 -15.71 -7.60
C GLU A 116 22.22 -15.06 -6.93
N ALA A 117 23.24 -14.72 -7.71
CA ALA A 117 24.44 -14.05 -7.20
C ALA A 117 24.16 -12.66 -6.60
N ASN A 118 23.12 -11.99 -7.10
CA ASN A 118 22.75 -10.66 -6.61
C ASN A 118 21.55 -10.63 -5.63
N ALA A 119 21.06 -11.78 -5.23
CA ALA A 119 19.87 -11.86 -4.38
C ALA A 119 20.07 -11.23 -3.02
N TRP A 120 21.29 -11.23 -2.50
CA TRP A 120 21.57 -10.57 -1.22
C TRP A 120 21.21 -9.08 -1.22
N LYS A 121 21.28 -8.43 -2.40
CA LYS A 121 20.95 -7.00 -2.56
C LYS A 121 19.63 -6.79 -3.32
N SER A 122 18.71 -7.75 -3.20
CA SER A 122 17.43 -7.68 -3.92
C SER A 122 16.34 -6.82 -3.26
N THR A 123 16.42 -6.60 -1.95
CA THR A 123 15.29 -6.09 -1.19
C THR A 123 15.57 -4.82 -0.39
N LEU A 124 14.82 -3.77 -0.72
CA LEU A 124 14.79 -2.52 0.01
C LEU A 124 13.70 -2.58 1.08
N VAL A 125 13.91 -1.85 2.17
CA VAL A 125 12.93 -1.71 3.24
C VAL A 125 12.78 -0.24 3.57
N GLY A 126 11.54 0.15 3.86
CA GLY A 126 11.25 1.49 4.28
C GLY A 126 9.92 1.61 5.00
N HIS A 127 9.49 2.84 5.19
CA HIS A 127 8.24 3.11 5.90
C HIS A 127 7.55 4.30 5.29
N ASP A 128 6.25 4.14 5.04
CA ASP A 128 5.38 5.19 4.47
C ASP A 128 4.22 5.47 5.41
N THR A 129 3.90 6.74 5.59
CA THR A 129 2.71 7.14 6.33
C THR A 129 1.77 7.80 5.34
N PHE A 130 0.55 7.29 5.28
CA PHE A 130 -0.50 7.79 4.39
C PHE A 130 -1.52 8.60 5.16
N THR A 131 -1.90 9.74 4.60
CA THR A 131 -2.96 10.58 5.12
C THR A 131 -4.00 10.89 4.05
N LYS A 132 -5.16 11.37 4.49
CA LYS A 132 -6.23 11.73 3.57
C LYS A 132 -6.03 13.08 2.90
N VAL A 133 -5.17 13.93 3.45
CA VAL A 133 -4.92 15.23 2.85
C VAL A 133 -3.47 15.44 2.43
N LYS A 134 -3.33 15.86 1.17
CA LYS A 134 -2.38 16.88 0.75
C LYS A 134 -2.77 17.43 -0.63
CU1 SQ1 B . 16.46 -0.20 -10.08
CU1 SQ1 B . 16.23 -0.85 -8.60
N6 SQ1 B . 15.95 1.70 -9.91
N6 SQ1 B . 16.31 0.87 -9.56
C23 SQ1 B . 15.95 2.53 -11.05
C23 SQ1 B . 17.11 1.04 -10.72
C24 SQ1 B . 15.59 3.87 -10.97
C24 SQ1 B . 17.19 2.24 -11.40
C25 SQ1 B . 15.22 4.41 -9.75
C25 SQ1 B . 16.47 3.33 -10.94
C26 SQ1 B . 15.21 3.62 -8.59
C26 SQ1 B . 15.68 3.21 -9.80
C22 SQ1 B . 15.57 2.28 -8.65
C22 SQ1 B . 15.60 2.01 -9.10
C21 SQ1 B . 15.55 1.46 -7.36
C21 SQ1 B . 14.72 1.90 -7.87
C20 SQ1 B . 15.83 -0.03 -7.39
C20 SQ1 B . 15.12 0.93 -6.76
N4 SQ1 B . 15.35 -0.72 -8.54
N4 SQ1 B . 14.97 -0.42 -7.16
N5 SQ1 B . 17.33 -1.90 -10.55
N5 SQ1 B . 17.12 -2.46 -7.93
C16 SQ1 B . 17.95 -1.97 -11.83
C16 SQ1 B . 17.71 -3.33 -8.87
C17 SQ1 B . 18.60 -3.13 -12.26
C17 SQ1 B . 18.36 -4.48 -8.48
C18 SQ1 B . 18.63 -4.24 -11.41
C18 SQ1 B . 18.45 -4.76 -7.12
C19 SQ1 B . 18.03 -4.19 -10.13
C19 SQ1 B . 17.89 -3.89 -6.19
C15 SQ1 B . 17.38 -3.03 -9.70
C15 SQ1 B . 17.23 -2.74 -6.59
C14 SQ1 B . 16.71 -2.88 -8.35
C14 SQ1 B . 16.57 -1.70 -5.69
C13 SQ1 B . 15.36 -2.15 -8.33
C13 SQ1 B . 15.14 -1.33 -6.08
C12 SQ1 B . 13.96 -0.84 -8.98
C12 SQ1 B . 13.75 -1.13 -7.41
C11 SQ1 B . 12.83 -0.66 -7.96
C11 SQ1 B . 12.98 -0.68 -8.64
N3 SQ1 B . 11.50 -0.37 -8.36
N3 SQ1 B . 11.58 -0.37 -8.52
C10 SQ1 B . 10.97 0.84 -8.57
O2 SQ1 B . 11.77 1.95 -8.51
C9 SQ1 B . 9.47 1.03 -8.69
C8 SQ1 B . 8.95 2.18 -7.87
C7 SQ1 B . 9.03 1.93 -6.37
C6 SQ1 B . 8.62 3.09 -5.48
C5 SQ1 B . 8.68 2.79 -3.99
C4 SQ1 B . 8.53 4.05 -3.14
N2 SQ1 B . 7.42 4.88 -3.46
S1 SQ1 B . 7.49 1.67 -3.32
C3 SQ1 B . 8.12 2.10 -1.71
C2 SQ1 B . 8.15 3.61 -1.72
N1 SQ1 B . 6.91 4.25 -1.45
C1 SQ1 B . 6.42 5.00 -2.50
O1 SQ1 B . 5.28 5.72 -2.63
CU CU C . 13.17 -5.52 -18.98
C1 GOL D . 14.94 7.07 -7.93
O1 GOL D . 16.20 6.71 -8.49
C2 GOL D . 14.49 8.26 -8.75
O2 GOL D . 14.00 7.77 -10.01
C3 GOL D . 13.46 9.05 -7.96
O3 GOL D . 12.35 9.46 -8.76
S SO4 E . 11.95 8.93 -14.46
O1 SO4 E . 12.81 8.63 -15.63
O2 SO4 E . 12.58 10.02 -13.67
O3 SO4 E . 11.81 7.71 -13.63
O4 SO4 E . 10.62 9.38 -14.91
#